data_6P2C
#
_entry.id   6P2C
#
_cell.length_a   50.790
_cell.length_b   81.767
_cell.length_c   111.871
_cell.angle_alpha   90.00
_cell.angle_beta   90.00
_cell.angle_gamma   90.00
#
_symmetry.space_group_name_H-M   'P 21 21 21'
#
loop_
_entity.id
_entity.type
_entity.pdbx_description
1 polymer 'HLA class I histocompatibility antigen, B-8 alpha chain'
2 polymer Beta-2-microglobulin
3 polymer 'MHC I-peptide'
4 water water
#
loop_
_entity_poly.entity_id
_entity_poly.type
_entity_poly.pdbx_seq_one_letter_code
_entity_poly.pdbx_strand_id
1 'polypeptide(L)'
;GSHSMRYFDTAMSRPGRGEPRFISVGYVDDTQFVRFDSDAASPREEPRAPWIEQEGPEYWDRNTQIFKTNTQTDRCSLRN
LRGYYNQSEAGSHTLQSMYGCDVGPDGRLLRGHNQYAYDGKDYIALNEDLRSWTAADTAAQITQRKWEAARVAEQDRAYL
EGTCVEWLRRYLENGKDTLERADPPKTHVTHHPISDHEATLRCWALGFYPAEITLTWQRDGEDQTQDTELVETRPAGDRT
FQKWAAVVVPSGEEQRYTCHVQHEGLPKPLTLRWEP
;
A
2 'polypeptide(L)'
;IQRTPKIQVYSRHPAENGKSNFLNCYVSGFHPSDIEVDLLKNGERIEKVEHSDLSFSKDWSFYLLYYTEFTPTEKDEYAC
RVNHVTLSQPKIVKWDRDM
;
B
3 'polypeptide(L)' R(MAA)RARARARARAAAKKKYCL C
#
# COMPACT_ATOMS: atom_id res chain seq x y z
N GLY A 1 -2.51 19.91 5.00
CA GLY A 1 -3.86 19.53 5.35
C GLY A 1 -3.91 18.58 6.54
N SER A 2 -4.75 17.56 6.45
CA SER A 2 -4.79 16.53 7.48
C SER A 2 -3.74 15.46 7.20
N HIS A 3 -3.35 14.74 8.23
CA HIS A 3 -2.29 13.74 8.10
C HIS A 3 -2.63 12.50 8.92
N SER A 4 -2.02 11.39 8.54
CA SER A 4 -2.21 10.13 9.26
C SER A 4 -0.87 9.46 9.56
N MET A 5 -0.84 8.72 10.66
CA MET A 5 0.28 7.84 10.96
C MET A 5 -0.33 6.45 11.12
N ARG A 6 0.24 5.45 10.46
CA ARG A 6 -0.27 4.09 10.58
C ARG A 6 0.87 3.07 10.62
N TYR A 7 0.75 2.09 11.50
CA TYR A 7 1.57 0.89 11.41
C TYR A 7 0.73 -0.22 10.77
N PHE A 8 1.36 -0.95 9.85
CA PHE A 8 0.74 -2.10 9.18
C PHE A 8 1.57 -3.34 9.52
N ASP A 9 1.02 -4.23 10.33
CA ASP A 9 1.73 -5.43 10.76
C ASP A 9 1.14 -6.67 10.10
N THR A 10 2.03 -7.57 9.69
CA THR A 10 1.63 -8.87 9.12
C THR A 10 2.38 -9.97 9.86
N ALA A 11 1.63 -10.92 10.42
CA ALA A 11 2.21 -12.11 11.03
C ALA A 11 1.65 -13.32 10.30
N MET A 12 2.53 -14.21 9.85
CA MET A 12 2.06 -15.36 9.09
C MET A 12 2.75 -16.63 9.52
N SER A 13 1.96 -17.64 9.86
CA SER A 13 2.52 -18.93 10.25
C SER A 13 2.96 -19.72 9.02
N ARG A 14 3.86 -20.66 9.26
CA ARG A 14 4.45 -21.46 8.20
C ARG A 14 4.89 -22.80 8.78
N PRO A 15 3.92 -23.68 9.08
CA PRO A 15 4.21 -24.96 9.74
C PRO A 15 5.31 -25.75 9.03
N GLY A 16 6.32 -26.15 9.79
CA GLY A 16 7.44 -26.89 9.22
C GLY A 16 8.58 -26.04 8.70
N ARG A 17 8.38 -24.72 8.67
CA ARG A 17 9.39 -23.79 8.16
C ARG A 17 9.70 -22.71 9.20
N GLY A 18 9.67 -23.09 10.46
CA GLY A 18 10.02 -22.19 11.55
C GLY A 18 8.83 -21.49 12.17
N GLU A 19 9.14 -20.49 13.00
CA GLU A 19 8.10 -19.73 13.69
C GLU A 19 7.51 -18.67 12.76
N PRO A 20 6.31 -18.16 13.09
CA PRO A 20 5.68 -17.19 12.18
C PRO A 20 6.49 -15.92 11.98
N ARG A 21 6.61 -15.49 10.73
CA ARG A 21 7.29 -14.24 10.42
C ARG A 21 6.42 -13.06 10.85
N PHE A 22 7.04 -12.07 11.47
CA PHE A 22 6.36 -10.82 11.82
C PHE A 22 7.06 -9.69 11.11
N ILE A 23 6.31 -8.90 10.34
CA ILE A 23 6.83 -7.67 9.78
C ILE A 23 5.90 -6.51 10.10
N SER A 24 6.49 -5.39 10.48
CA SER A 24 5.76 -4.16 10.76
C SER A 24 6.37 -3.04 9.94
N VAL A 25 5.51 -2.29 9.25
CA VAL A 25 5.95 -1.11 8.55
C VAL A 25 5.17 0.11 9.02
N GLY A 26 5.87 1.23 9.21
CA GLY A 26 5.24 2.46 9.64
C GLY A 26 5.21 3.49 8.53
N TYR A 27 4.07 4.18 8.41
CA TYR A 27 3.82 5.22 7.42
C TYR A 27 3.34 6.52 8.04
N VAL A 28 3.76 7.63 7.44
CA VAL A 28 3.05 8.90 7.60
C VAL A 28 2.47 9.19 6.22
N ASP A 29 1.14 9.28 6.12
CA ASP A 29 0.47 9.42 4.84
C ASP A 29 0.95 8.32 3.88
N ASP A 30 1.44 8.68 2.70
CA ASP A 30 1.89 7.68 1.74
C ASP A 30 3.41 7.47 1.75
N THR A 31 4.05 7.81 2.86
CA THR A 31 5.50 7.72 2.98
C THR A 31 5.90 6.73 4.08
N GLN A 32 6.52 5.62 3.70
CA GLN A 32 7.02 4.67 4.69
C GLN A 32 8.22 5.27 5.39
N PHE A 33 8.31 5.12 6.70
CA PHE A 33 9.47 5.65 7.42
C PHE A 33 10.20 4.65 8.28
N VAL A 34 9.59 3.47 8.51
CA VAL A 34 10.28 2.46 9.29
C VAL A 34 9.83 1.04 8.93
N ARG A 35 10.69 0.07 9.20
CA ARG A 35 10.34 -1.34 9.07
C ARG A 35 11.00 -2.15 10.18
N PHE A 36 10.34 -3.23 10.56
CA PHE A 36 10.90 -4.25 11.43
C PHE A 36 10.52 -5.61 10.82
N ASP A 37 11.47 -6.52 10.73
CA ASP A 37 11.23 -7.84 10.15
C ASP A 37 11.90 -8.90 11.02
N SER A 38 11.12 -9.81 11.60
CA SER A 38 11.70 -10.87 12.43
C SER A 38 12.61 -11.80 11.64
N ASP A 39 12.50 -11.79 10.31
CA ASP A 39 13.34 -12.62 9.45
C ASP A 39 14.67 -11.95 9.07
N ALA A 40 14.86 -10.70 9.46
CA ALA A 40 16.14 -10.03 9.22
C ALA A 40 17.26 -10.73 10.00
N ALA A 41 18.49 -10.60 9.52
CA ALA A 41 19.63 -11.22 10.19
C ALA A 41 19.76 -10.73 11.63
N SER A 42 19.57 -9.44 11.81
CA SER A 42 19.49 -8.85 13.14
C SER A 42 18.25 -7.97 13.21
N PRO A 43 17.11 -8.56 13.64
CA PRO A 43 15.84 -7.82 13.68
C PRO A 43 15.96 -6.54 14.48
N ARG A 44 15.57 -5.45 13.84
CA ARG A 44 15.75 -4.13 14.41
C ARG A 44 14.78 -3.18 13.72
N GLU A 45 14.26 -2.23 14.48
CA GLU A 45 13.53 -1.10 13.89
C GLU A 45 14.52 -0.31 13.01
N GLU A 46 14.24 -0.22 11.71
CA GLU A 46 15.18 0.37 10.74
C GLU A 46 14.57 1.59 10.06
N PRO A 47 15.37 2.66 9.85
CA PRO A 47 14.87 3.84 9.14
C PRO A 47 14.65 3.57 7.65
N ARG A 48 13.57 4.12 7.10
CA ARG A 48 13.26 3.94 5.69
C ARG A 48 12.92 5.28 5.00
N ALA A 49 13.12 6.37 5.73
CA ALA A 49 12.98 7.73 5.20
C ALA A 49 14.08 8.60 5.82
N PRO A 50 14.57 9.59 5.06
CA PRO A 50 15.70 10.39 5.59
C PRO A 50 15.37 11.21 6.86
N TRP A 51 14.15 11.71 6.98
CA TRP A 51 13.81 12.58 8.10
C TRP A 51 13.68 11.88 9.46
N ILE A 52 13.61 10.55 9.45
CA ILE A 52 13.55 9.79 10.70
C ILE A 52 14.95 9.45 11.22
N GLU A 53 15.97 9.58 10.36
CA GLU A 53 17.32 9.18 10.72
C GLU A 53 17.92 9.98 11.87
N GLN A 54 17.40 11.20 12.09
CA GLN A 54 17.92 12.07 13.14
C GLN A 54 17.51 11.63 14.54
N GLU A 55 16.54 10.73 14.64
CA GLU A 55 16.19 10.17 15.95
C GLU A 55 17.39 9.43 16.54
N GLY A 56 17.65 9.65 17.82
CA GLY A 56 18.83 9.09 18.45
C GLY A 56 18.71 7.62 18.79
N PRO A 57 19.75 7.04 19.40
CA PRO A 57 19.83 5.62 19.73
C PRO A 57 18.67 5.14 20.61
N GLU A 58 18.17 6.01 21.48
CA GLU A 58 17.07 5.62 22.38
C GLU A 58 15.78 5.30 21.62
N TYR A 59 15.50 6.06 20.56
CA TYR A 59 14.35 5.83 19.71
C TYR A 59 14.42 4.44 19.09
N TRP A 60 15.57 4.13 18.49
CA TRP A 60 15.75 2.86 17.80
C TRP A 60 15.77 1.66 18.75
N ASP A 61 16.42 1.82 19.89
CA ASP A 61 16.49 0.74 20.87
C ASP A 61 15.12 0.44 21.51
N ARG A 62 14.39 1.48 21.89
CA ARG A 62 13.10 1.29 22.53
C ARG A 62 12.07 0.71 21.57
N ASN A 63 12.04 1.22 20.34
CA ASN A 63 11.10 0.68 19.35
C ASN A 63 11.46 -0.73 18.93
N THR A 64 12.75 -1.02 18.85
CA THR A 64 13.20 -2.38 18.56
C THR A 64 12.67 -3.36 19.61
N GLN A 65 12.78 -3.00 20.89
CA GLN A 65 12.31 -3.88 21.94
C GLN A 65 10.81 -4.09 21.87
N ILE A 66 10.06 -3.02 21.59
CA ILE A 66 8.61 -3.13 21.48
C ILE A 66 8.24 -4.07 20.34
N PHE A 67 8.95 -3.97 19.23
CA PHE A 67 8.66 -4.83 18.10
C PHE A 67 9.11 -6.28 18.29
N LYS A 68 10.21 -6.50 19.00
CA LYS A 68 10.60 -7.85 19.35
C LYS A 68 9.54 -8.49 20.24
N THR A 69 9.01 -7.72 21.18
CA THR A 69 7.93 -8.24 22.02
C THR A 69 6.66 -8.45 21.19
N ASN A 70 6.34 -7.51 20.31
CA ASN A 70 5.18 -7.68 19.44
C ASN A 70 5.25 -8.92 18.56
N THR A 71 6.46 -9.31 18.14
CA THR A 71 6.65 -10.55 17.41
C THR A 71 6.12 -11.74 18.22
N GLN A 72 6.50 -11.78 19.49
CA GLN A 72 6.05 -12.87 20.36
C GLN A 72 4.56 -12.78 20.61
N THR A 73 4.06 -11.56 20.77
CA THR A 73 2.63 -11.35 21.01
C THR A 73 1.80 -11.86 19.83
N ASP A 74 2.22 -11.53 18.60
CA ASP A 74 1.51 -11.96 17.41
C ASP A 74 1.56 -13.49 17.23
N ARG A 75 2.67 -14.10 17.64
CA ARG A 75 2.76 -15.57 17.61
C ARG A 75 1.78 -16.21 18.60
N CYS A 76 1.64 -15.61 19.79
CA CYS A 76 0.64 -16.05 20.76
C CYS A 76 -0.76 -15.90 20.16
N SER A 77 -1.01 -14.76 19.52
CA SER A 77 -2.29 -14.52 18.87
C SER A 77 -2.62 -15.58 17.82
N LEU A 78 -1.66 -15.89 16.95
CA LEU A 78 -1.87 -16.90 15.92
C LEU A 78 -2.22 -18.27 16.52
N ARG A 79 -1.55 -18.64 17.61
CA ARG A 79 -1.86 -19.90 18.28
C ARG A 79 -3.28 -19.90 18.79
N ASN A 80 -3.67 -18.80 19.43
CA ASN A 80 -5.02 -18.71 19.98
C ASN A 80 -6.07 -18.73 18.88
N LEU A 81 -5.80 -18.03 17.79
CA LEU A 81 -6.73 -17.95 16.67
C LEU A 81 -6.96 -19.31 16.02
N ARG A 82 -5.89 -20.09 15.85
CA ARG A 82 -6.04 -21.44 15.31
C ARG A 82 -7.04 -22.23 16.15
N GLY A 83 -6.90 -22.13 17.46
CA GLY A 83 -7.83 -22.79 18.37
C GLY A 83 -9.25 -22.26 18.32
N TYR A 84 -9.40 -20.93 18.23
CA TYR A 84 -10.75 -20.33 18.19
C TYR A 84 -11.55 -20.80 16.99
N TYR A 85 -10.85 -21.21 15.93
CA TYR A 85 -11.53 -21.64 14.70
C TYR A 85 -11.42 -23.15 14.47
N ASN A 86 -10.95 -23.88 15.47
CA ASN A 86 -10.84 -25.34 15.39
C ASN A 86 -10.00 -25.81 14.20
N GLN A 87 -8.97 -25.04 13.88
CA GLN A 87 -8.16 -25.31 12.71
C GLN A 87 -7.00 -26.26 12.97
N SER A 88 -6.63 -26.99 11.92
CA SER A 88 -5.52 -27.94 11.94
C SER A 88 -4.19 -27.24 12.15
N GLU A 89 -3.18 -27.99 12.59
CA GLU A 89 -1.83 -27.46 12.77
C GLU A 89 -1.11 -27.38 11.43
N ALA A 90 -1.70 -27.96 10.39
CA ALA A 90 -1.05 -28.10 9.08
C ALA A 90 -1.06 -26.83 8.24
N GLY A 91 -2.08 -26.00 8.40
CA GLY A 91 -2.25 -24.84 7.54
C GLY A 91 -1.50 -23.59 7.96
N SER A 92 -1.18 -22.75 6.98
CA SER A 92 -0.65 -21.42 7.26
C SER A 92 -1.80 -20.42 7.41
N HIS A 93 -1.61 -19.46 8.31
CA HIS A 93 -2.63 -18.44 8.57
C HIS A 93 -1.97 -17.08 8.76
N THR A 94 -2.76 -16.03 8.57
CA THR A 94 -2.26 -14.68 8.57
C THR A 94 -3.05 -13.81 9.53
N LEU A 95 -2.33 -13.06 10.37
CA LEU A 95 -2.92 -12.05 11.23
C LEU A 95 -2.38 -10.70 10.80
N GLN A 96 -3.27 -9.78 10.48
CA GLN A 96 -2.88 -8.42 10.12
C GLN A 96 -3.42 -7.42 11.13
N SER A 97 -2.67 -6.34 11.34
CA SER A 97 -3.02 -5.28 12.26
C SER A 97 -2.80 -3.93 11.61
N MET A 98 -3.70 -2.98 11.84
CA MET A 98 -3.51 -1.59 11.44
C MET A 98 -3.82 -0.72 12.63
N TYR A 99 -2.91 0.17 13.02
CA TYR A 99 -3.21 1.09 14.11
C TYR A 99 -2.51 2.43 13.93
N GLY A 100 -3.03 3.46 14.56
CA GLY A 100 -2.48 4.79 14.45
C GLY A 100 -3.53 5.87 14.55
N CYS A 101 -3.18 7.06 14.10
CA CYS A 101 -4.01 8.23 14.35
C CYS A 101 -4.08 9.15 13.14
N ASP A 102 -5.18 9.90 13.05
CA ASP A 102 -5.35 10.94 12.05
C ASP A 102 -5.42 12.26 12.78
N VAL A 103 -4.75 13.29 12.26
CA VAL A 103 -4.84 14.64 12.80
C VAL A 103 -5.23 15.64 11.73
N GLY A 104 -5.79 16.77 12.16
CA GLY A 104 -6.15 17.82 11.23
C GLY A 104 -4.99 18.77 10.97
N PRO A 105 -5.24 19.83 10.18
CA PRO A 105 -4.25 20.85 9.82
C PRO A 105 -3.56 21.44 11.04
N ASP A 106 -4.28 21.49 12.15
CA ASP A 106 -3.80 22.10 13.38
C ASP A 106 -3.13 21.11 14.33
N GLY A 107 -3.05 19.85 13.91
CA GLY A 107 -2.39 18.83 14.70
C GLY A 107 -3.26 18.18 15.76
N ARG A 108 -4.54 18.56 15.80
CA ARG A 108 -5.46 17.97 16.77
C ARG A 108 -6.00 16.63 16.28
N LEU A 109 -6.22 15.71 17.23
CA LEU A 109 -6.73 14.38 16.91
C LEU A 109 -8.08 14.41 16.18
N LEU A 110 -8.15 13.73 15.05
CA LEU A 110 -9.41 13.54 14.34
C LEU A 110 -10.04 12.22 14.76
N ARG A 111 -9.25 11.14 14.70
CA ARG A 111 -9.63 9.87 15.29
C ARG A 111 -8.47 8.89 15.36
N GLY A 112 -8.64 7.85 16.18
CA GLY A 112 -7.66 6.78 16.33
C GLY A 112 -8.17 5.49 15.73
N HIS A 113 -7.23 4.57 15.46
CA HIS A 113 -7.54 3.30 14.82
C HIS A 113 -6.74 2.19 15.50
N ASN A 114 -7.37 1.03 15.65
CA ASN A 114 -6.68 -0.17 16.10
C ASN A 114 -7.52 -1.37 15.73
N GLN A 115 -7.20 -2.02 14.62
CA GLN A 115 -8.03 -3.11 14.15
C GLN A 115 -7.23 -4.25 13.54
N TYR A 116 -7.89 -5.40 13.43
CA TYR A 116 -7.25 -6.67 13.12
C TYR A 116 -8.07 -7.46 12.13
N ALA A 117 -7.37 -8.25 11.30
CA ALA A 117 -7.98 -9.17 10.37
C ALA A 117 -7.27 -10.52 10.46
N TYR A 118 -8.04 -11.60 10.33
CA TYR A 118 -7.48 -12.95 10.32
C TYR A 118 -7.82 -13.59 9.00
N ASP A 119 -6.81 -14.12 8.33
CA ASP A 119 -6.96 -14.71 6.99
C ASP A 119 -7.74 -13.80 6.04
N GLY A 120 -7.45 -12.50 6.13
CA GLY A 120 -8.00 -11.51 5.21
C GLY A 120 -9.38 -10.96 5.56
N LYS A 121 -9.97 -11.45 6.64
CA LYS A 121 -11.31 -11.03 7.05
C LYS A 121 -11.25 -10.22 8.34
N ASP A 122 -12.01 -9.12 8.39
CA ASP A 122 -12.06 -8.32 9.61
C ASP A 122 -12.41 -9.19 10.82
N TYR A 123 -11.67 -9.01 11.91
CA TYR A 123 -11.79 -9.82 13.11
C TYR A 123 -12.29 -9.00 14.31
N ILE A 124 -11.54 -7.97 14.70
CA ILE A 124 -11.95 -7.10 15.80
C ILE A 124 -11.39 -5.71 15.54
N ALA A 125 -12.10 -4.69 16.02
CA ALA A 125 -11.67 -3.31 15.85
C ALA A 125 -12.04 -2.51 17.08
N LEU A 126 -11.17 -1.59 17.47
CA LEU A 126 -11.49 -0.59 18.47
C LEU A 126 -12.44 0.42 17.83
N ASN A 127 -13.56 0.68 18.49
CA ASN A 127 -14.52 1.65 17.99
C ASN A 127 -13.99 3.06 18.04
N GLU A 128 -14.64 3.97 17.33
CA GLU A 128 -14.19 5.36 17.27
C GLU A 128 -14.13 6.02 18.65
N ASP A 129 -14.97 5.56 19.58
CA ASP A 129 -14.94 6.07 20.94
C ASP A 129 -13.66 5.74 21.72
N LEU A 130 -12.86 4.81 21.18
CA LEU A 130 -11.65 4.33 21.83
C LEU A 130 -11.89 3.68 23.19
N ARG A 131 -13.11 3.17 23.39
CA ARG A 131 -13.48 2.56 24.66
C ARG A 131 -14.08 1.16 24.51
N SER A 132 -14.65 0.87 23.34
CA SER A 132 -15.38 -0.38 23.12
C SER A 132 -14.91 -1.06 21.83
N TRP A 133 -15.24 -2.34 21.70
CA TRP A 133 -14.81 -3.17 20.58
C TRP A 133 -15.97 -3.63 19.72
N THR A 134 -15.69 -3.84 18.43
CA THR A 134 -16.63 -4.52 17.55
C THR A 134 -15.99 -5.84 17.09
N ALA A 135 -16.64 -6.95 17.43
CA ALA A 135 -16.16 -8.30 17.13
C ALA A 135 -16.95 -8.87 15.96
N ALA A 136 -16.25 -9.47 15.00
CA ALA A 136 -16.89 -9.95 13.77
C ALA A 136 -17.68 -11.26 13.93
N ASP A 137 -17.28 -12.10 14.87
CA ASP A 137 -17.86 -13.44 15.04
C ASP A 137 -17.65 -13.94 16.46
N THR A 138 -18.07 -15.17 16.73
CA THR A 138 -17.98 -15.70 18.09
C THR A 138 -16.53 -15.93 18.56
N ALA A 139 -15.61 -16.11 17.62
CA ALA A 139 -14.20 -16.22 17.98
C ALA A 139 -13.70 -14.86 18.48
N ALA A 140 -13.99 -13.81 17.71
CA ALA A 140 -13.57 -12.47 18.09
C ALA A 140 -14.23 -12.01 19.39
N GLN A 141 -15.39 -12.56 19.71
CA GLN A 141 -16.03 -12.27 20.99
C GLN A 141 -15.20 -12.79 22.15
N ILE A 142 -14.46 -13.87 21.95
CA ILE A 142 -13.53 -14.35 22.96
C ILE A 142 -12.43 -13.31 23.21
N THR A 143 -11.82 -12.83 22.13
CA THR A 143 -10.84 -11.76 22.25
C THR A 143 -11.42 -10.53 22.93
N GLN A 144 -12.63 -10.13 22.52
CA GLN A 144 -13.30 -8.99 23.14
C GLN A 144 -13.44 -9.16 24.65
N ARG A 145 -13.91 -10.33 25.08
CA ARG A 145 -14.09 -10.58 26.52
C ARG A 145 -12.76 -10.50 27.26
N LYS A 146 -11.71 -11.04 26.67
CA LYS A 146 -10.39 -10.99 27.30
C LYS A 146 -9.87 -9.57 27.41
N TRP A 147 -10.05 -8.80 26.34
CA TRP A 147 -9.58 -7.42 26.30
C TRP A 147 -10.39 -6.50 27.22
N GLU A 148 -11.68 -6.77 27.36
CA GLU A 148 -12.49 -6.06 28.33
C GLU A 148 -12.02 -6.36 29.76
N ALA A 149 -11.76 -7.62 30.04
CA ALA A 149 -11.31 -8.02 31.38
C ALA A 149 -9.99 -7.35 31.76
N ALA A 150 -9.10 -7.20 30.77
CA ALA A 150 -7.77 -6.63 31.02
C ALA A 150 -7.71 -5.11 30.80
N ARG A 151 -8.86 -4.52 30.48
CA ARG A 151 -8.95 -3.07 30.21
C ARG A 151 -7.93 -2.62 29.16
N VAL A 152 -7.81 -3.40 28.10
CA VAL A 152 -6.88 -3.12 27.01
C VAL A 152 -7.23 -1.82 26.27
N ALA A 153 -8.52 -1.56 26.10
CA ALA A 153 -8.95 -0.35 25.38
C ALA A 153 -8.41 0.91 26.03
N GLU A 154 -8.35 0.94 27.36
CA GLU A 154 -7.83 2.10 28.08
C GLU A 154 -6.37 2.35 27.73
N GLN A 155 -5.61 1.28 27.57
CA GLN A 155 -4.20 1.39 27.19
C GLN A 155 -4.06 1.90 25.76
N ASP A 156 -4.84 1.31 24.85
CA ASP A 156 -4.83 1.74 23.45
C ASP A 156 -5.26 3.20 23.31
N ARG A 157 -6.29 3.60 24.05
CA ARG A 157 -6.75 4.98 24.00
C ARG A 157 -5.65 5.95 24.42
N ALA A 158 -4.96 5.63 25.52
CA ALA A 158 -3.89 6.50 26.00
C ALA A 158 -2.78 6.63 24.96
N TYR A 159 -2.43 5.52 24.32
CA TYR A 159 -1.42 5.54 23.26
C TYR A 159 -1.87 6.40 22.09
N LEU A 160 -3.08 6.18 21.60
CA LEU A 160 -3.57 6.84 20.40
C LEU A 160 -3.74 8.35 20.57
N GLU A 161 -4.27 8.76 21.73
CA GLU A 161 -4.52 10.17 21.98
C GLU A 161 -3.27 10.92 22.40
N GLY A 162 -2.30 10.19 22.94
CA GLY A 162 -1.08 10.81 23.45
C GLY A 162 0.10 10.56 22.54
N THR A 163 0.77 9.44 22.77
CA THR A 163 1.99 9.07 22.06
C THR A 163 1.87 9.20 20.54
N CYS A 164 0.81 8.63 19.96
CA CYS A 164 0.67 8.60 18.50
C CYS A 164 0.63 10.01 17.91
N VAL A 165 -0.23 10.84 18.49
CA VAL A 165 -0.42 12.21 18.04
C VAL A 165 0.85 13.04 18.23
N GLU A 166 1.51 12.84 19.37
CA GLU A 166 2.72 13.59 19.67
C GLU A 166 3.86 13.24 18.70
N TRP A 167 4.02 11.96 18.39
CA TRP A 167 5.06 11.57 17.44
C TRP A 167 4.72 11.99 16.02
N LEU A 168 3.46 11.91 15.63
CA LEU A 168 3.07 12.34 14.30
C LEU A 168 3.39 13.83 14.11
N ARG A 169 3.09 14.64 15.11
CA ARG A 169 3.41 16.08 15.03
C ARG A 169 4.91 16.29 14.85
N ARG A 170 5.72 15.51 15.56
CA ARG A 170 7.17 15.61 15.44
C ARG A 170 7.66 15.20 14.05
N TYR A 171 7.14 14.10 13.53
CA TYR A 171 7.53 13.63 12.19
C TYR A 171 7.19 14.68 11.14
N LEU A 172 6.02 15.29 11.27
CA LEU A 172 5.58 16.30 10.31
C LEU A 172 6.49 17.52 10.32
N GLU A 173 6.94 17.91 11.51
CA GLU A 173 7.87 19.03 11.63
C GLU A 173 9.21 18.68 11.00
N ASN A 174 9.74 17.52 11.36
CA ASN A 174 11.05 17.08 10.87
C ASN A 174 11.07 16.83 9.36
N GLY A 175 9.97 16.30 8.83
CA GLY A 175 9.88 16.02 7.41
C GLY A 175 9.02 17.00 6.64
N LYS A 176 8.94 18.24 7.11
CA LYS A 176 8.02 19.22 6.52
C LYS A 176 8.26 19.51 5.04
N ASP A 177 9.51 19.41 4.60
CA ASP A 177 9.84 19.72 3.21
C ASP A 177 9.22 18.73 2.23
N THR A 178 8.90 17.53 2.71
CA THR A 178 8.33 16.48 1.86
C THR A 178 6.92 16.09 2.30
N LEU A 179 6.75 15.80 3.59
CA LEU A 179 5.47 15.33 4.12
C LEU A 179 4.36 16.38 3.95
N GLU A 180 4.74 17.64 3.96
CA GLU A 180 3.77 18.71 3.82
C GLU A 180 3.90 19.42 2.49
N ARG A 181 4.47 18.71 1.52
CA ARG A 181 4.56 19.20 0.16
C ARG A 181 3.72 18.31 -0.76
N ALA A 182 2.70 18.90 -1.36
CA ALA A 182 1.90 18.22 -2.37
C ALA A 182 2.47 18.50 -3.74
N ASP A 183 2.85 17.44 -4.46
CA ASP A 183 3.34 17.57 -5.82
C ASP A 183 2.21 17.29 -6.80
N PRO A 184 1.91 18.26 -7.68
CA PRO A 184 0.78 18.08 -8.59
C PRO A 184 1.07 17.08 -9.69
N PRO A 185 0.02 16.47 -10.26
CA PRO A 185 0.25 15.55 -11.38
C PRO A 185 0.66 16.30 -12.64
N LYS A 186 1.58 15.72 -13.39
CA LYS A 186 1.88 16.14 -14.75
C LYS A 186 0.95 15.34 -15.64
N THR A 187 0.23 16.03 -16.51
CA THR A 187 -0.84 15.39 -17.26
C THR A 187 -0.66 15.50 -18.77
N HIS A 188 -1.19 14.51 -19.48
CA HIS A 188 -1.35 14.59 -20.92
C HIS A 188 -2.38 13.57 -21.39
N VAL A 189 -2.85 13.76 -22.61
CA VAL A 189 -3.85 12.88 -23.22
C VAL A 189 -3.25 12.24 -24.47
N THR A 190 -3.31 10.92 -24.55
CA THR A 190 -2.87 10.22 -25.75
C THR A 190 -4.05 9.70 -26.56
N HIS A 191 -3.80 9.37 -27.83
CA HIS A 191 -4.82 8.95 -28.77
C HIS A 191 -4.27 7.80 -29.60
N HIS A 192 -4.99 6.69 -29.62
CA HIS A 192 -4.55 5.49 -30.34
C HIS A 192 -5.73 4.87 -31.07
N PRO A 193 -5.71 4.87 -32.41
CA PRO A 193 -6.78 4.20 -33.15
C PRO A 193 -6.81 2.71 -32.83
N ILE A 194 -8.00 2.12 -32.70
CA ILE A 194 -8.12 0.68 -32.52
C ILE A 194 -8.76 -0.01 -33.72
N SER A 195 -9.38 0.79 -34.59
CA SER A 195 -9.96 0.32 -35.84
C SER A 195 -10.31 1.54 -36.67
N ASP A 196 -10.93 1.34 -37.83
CA ASP A 196 -11.34 2.44 -38.68
C ASP A 196 -12.29 3.42 -37.99
N HIS A 197 -13.07 2.93 -37.05
CA HIS A 197 -14.17 3.72 -36.50
C HIS A 197 -14.11 4.00 -34.99
N GLU A 198 -13.12 3.47 -34.30
CA GLU A 198 -12.94 3.74 -32.87
C GLU A 198 -11.49 4.06 -32.52
N ALA A 199 -11.31 4.85 -31.47
CA ALA A 199 -9.97 5.14 -30.95
C ALA A 199 -10.04 5.19 -29.43
N THR A 200 -8.93 4.93 -28.75
CA THR A 200 -8.94 5.19 -27.32
C THR A 200 -8.22 6.47 -26.96
N LEU A 201 -8.83 7.19 -26.02
CA LEU A 201 -8.22 8.36 -25.42
C LEU A 201 -7.78 7.94 -24.02
N ARG A 202 -6.53 8.21 -23.70
CA ARG A 202 -6.01 7.87 -22.38
C ARG A 202 -5.50 9.14 -21.72
N CYS A 203 -6.01 9.39 -20.52
CA CYS A 203 -5.60 10.56 -19.74
C CYS A 203 -4.63 10.13 -18.65
N TRP A 204 -3.46 10.77 -18.62
CA TRP A 204 -2.36 10.39 -17.74
C TRP A 204 -2.15 11.39 -16.63
N ALA A 205 -1.85 10.87 -15.44
CA ALA A 205 -1.38 11.68 -14.31
C ALA A 205 -0.09 11.05 -13.78
N LEU A 206 0.98 11.81 -13.76
CA LEU A 206 2.30 11.29 -13.38
C LEU A 206 2.95 12.20 -12.34
N GLY A 207 3.77 11.61 -11.48
CA GLY A 207 4.62 12.36 -10.58
C GLY A 207 3.93 13.09 -9.43
N PHE A 208 2.76 12.62 -9.02
CA PHE A 208 2.01 13.30 -7.97
C PHE A 208 2.20 12.69 -6.58
N TYR A 209 2.02 13.52 -5.55
CA TYR A 209 2.04 13.09 -4.15
C TYR A 209 1.16 14.05 -3.39
N PRO A 210 0.30 13.54 -2.49
CA PRO A 210 0.06 12.14 -2.11
C PRO A 210 -0.69 11.36 -3.18
N ALA A 211 -0.99 10.11 -2.90
CA ALA A 211 -1.57 9.21 -3.88
C ALA A 211 -3.01 9.55 -4.25
N GLU A 212 -3.75 10.12 -3.30
CA GLU A 212 -5.16 10.48 -3.55
C GLU A 212 -5.31 11.37 -4.78
N ILE A 213 -6.11 10.91 -5.74
CA ILE A 213 -6.35 11.67 -6.96
C ILE A 213 -7.70 11.30 -7.55
N THR A 214 -8.30 12.24 -8.29
CA THR A 214 -9.52 11.93 -9.02
C THR A 214 -9.27 12.16 -10.51
N LEU A 215 -9.51 11.11 -11.30
CA LEU A 215 -9.29 11.13 -12.73
C LEU A 215 -10.55 10.61 -13.41
N THR A 216 -11.23 11.47 -14.16
CA THR A 216 -12.49 11.09 -14.79
C THR A 216 -12.56 11.55 -16.24
N TRP A 217 -13.34 10.81 -17.05
CA TRP A 217 -13.67 11.23 -18.41
C TRP A 217 -15.13 11.65 -18.47
N GLN A 218 -15.41 12.72 -19.21
CA GLN A 218 -16.78 13.14 -19.49
C GLN A 218 -17.02 13.17 -20.99
N ARG A 219 -18.24 12.84 -21.38
CA ARG A 219 -18.69 12.99 -22.76
C ARG A 219 -19.87 13.96 -22.74
N ASP A 220 -19.73 15.09 -23.44
CA ASP A 220 -20.72 16.15 -23.41
C ASP A 220 -21.06 16.57 -21.97
N GLY A 221 -20.07 16.53 -21.08
CA GLY A 221 -20.27 16.94 -19.70
C GLY A 221 -20.87 15.90 -18.76
N GLU A 222 -21.14 14.69 -19.26
CA GLU A 222 -21.65 13.61 -18.43
C GLU A 222 -20.56 12.60 -18.11
N ASP A 223 -20.47 12.19 -16.85
CA ASP A 223 -19.46 11.23 -16.41
C ASP A 223 -19.62 9.87 -17.12
N GLN A 224 -18.50 9.29 -17.53
CA GLN A 224 -18.50 8.03 -18.25
C GLN A 224 -17.99 6.88 -17.39
N THR A 225 -18.57 6.72 -16.20
CA THR A 225 -18.06 5.76 -15.22
C THR A 225 -17.99 4.33 -15.77
N GLN A 226 -19.11 3.86 -16.33
CA GLN A 226 -19.20 2.50 -16.85
C GLN A 226 -18.28 2.22 -18.04
N ASP A 227 -17.96 3.26 -18.80
CA ASP A 227 -17.17 3.09 -20.03
C ASP A 227 -15.71 3.52 -19.90
N THR A 228 -15.31 3.92 -18.69
CA THR A 228 -13.92 4.27 -18.42
C THR A 228 -13.13 3.11 -17.82
N GLU A 229 -11.98 2.80 -18.42
CA GLU A 229 -11.04 1.89 -17.80
C GLU A 229 -10.10 2.71 -16.93
N LEU A 230 -10.08 2.39 -15.64
CA LEU A 230 -9.34 3.17 -14.66
C LEU A 230 -8.39 2.24 -13.89
N VAL A 231 -7.08 2.35 -14.12
CA VAL A 231 -6.13 1.49 -13.41
C VAL A 231 -5.93 1.98 -11.98
N GLU A 232 -5.54 1.07 -11.10
CA GLU A 232 -5.23 1.44 -9.73
C GLU A 232 -4.04 2.39 -9.69
N THR A 233 -4.10 3.34 -8.78
CA THR A 233 -2.98 4.24 -8.56
C THR A 233 -1.75 3.42 -8.15
N ARG A 234 -0.61 3.73 -8.76
CA ARG A 234 0.58 2.90 -8.63
C ARG A 234 1.81 3.73 -8.29
N PRO A 235 2.73 3.18 -7.49
CA PRO A 235 3.94 3.92 -7.08
C PRO A 235 5.00 3.96 -8.18
N ALA A 236 5.62 5.11 -8.36
CA ALA A 236 6.70 5.23 -9.34
C ALA A 236 8.05 4.75 -8.80
N GLY A 237 8.22 4.79 -7.48
CA GLY A 237 9.49 4.40 -6.86
C GLY A 237 10.34 5.57 -6.41
N ASP A 238 9.88 6.78 -6.69
CA ASP A 238 10.59 8.01 -6.33
C ASP A 238 9.77 8.87 -5.38
N ARG A 239 8.87 8.22 -4.62
CA ARG A 239 7.88 8.80 -3.71
C ARG A 239 6.55 9.10 -4.40
N THR A 240 6.58 9.34 -5.70
CA THR A 240 5.38 9.79 -6.41
C THR A 240 4.52 8.63 -6.93
N PHE A 241 3.35 8.99 -7.43
CA PHE A 241 2.38 8.03 -7.92
C PHE A 241 1.96 8.33 -9.36
N GLN A 242 1.31 7.35 -9.98
CA GLN A 242 0.86 7.44 -11.36
C GLN A 242 -0.54 6.87 -11.49
N LYS A 243 -1.31 7.35 -12.46
CA LYS A 243 -2.61 6.78 -12.74
C LYS A 243 -3.01 7.13 -14.16
N TRP A 244 -3.81 6.28 -14.80
CA TRP A 244 -4.45 6.68 -16.05
C TRP A 244 -5.89 6.21 -16.13
N ALA A 245 -6.64 6.85 -17.02
CA ALA A 245 -8.04 6.53 -17.28
C ALA A 245 -8.22 6.56 -18.79
N ALA A 246 -8.91 5.55 -19.33
CA ALA A 246 -9.09 5.47 -20.78
C ALA A 246 -10.54 5.26 -21.18
N VAL A 247 -10.92 5.82 -22.33
CA VAL A 247 -12.24 5.61 -22.91
C VAL A 247 -12.10 5.30 -24.39
N VAL A 248 -12.98 4.44 -24.89
CA VAL A 248 -13.04 4.15 -26.32
C VAL A 248 -14.10 5.04 -26.95
N VAL A 249 -13.68 5.84 -27.94
CA VAL A 249 -14.56 6.84 -28.52
C VAL A 249 -14.76 6.62 -30.01
N PRO A 250 -15.92 7.03 -30.55
CA PRO A 250 -16.14 6.92 -32.00
C PRO A 250 -15.20 7.89 -32.72
N SER A 251 -14.59 7.42 -33.81
CA SER A 251 -13.67 8.28 -34.58
C SER A 251 -14.39 9.55 -35.02
N GLY A 252 -13.73 10.70 -34.80
CA GLY A 252 -14.31 11.98 -35.15
C GLY A 252 -14.99 12.70 -34.00
N GLU A 253 -15.24 11.99 -32.90
CA GLU A 253 -15.97 12.55 -31.77
C GLU A 253 -15.06 12.90 -30.60
N GLU A 254 -13.76 12.91 -30.84
CA GLU A 254 -12.76 13.12 -29.79
C GLU A 254 -12.96 14.40 -28.97
N GLN A 255 -13.38 15.49 -29.61
CA GLN A 255 -13.50 16.77 -28.91
C GLN A 255 -14.71 16.87 -27.99
N ARG A 256 -15.57 15.86 -28.01
CA ARG A 256 -16.69 15.83 -27.08
C ARG A 256 -16.29 15.25 -25.73
N TYR A 257 -15.04 14.78 -25.64
CA TYR A 257 -14.56 14.15 -24.42
C TYR A 257 -13.60 15.06 -23.65
N THR A 258 -13.79 15.14 -22.34
CA THR A 258 -12.89 15.91 -21.49
C THR A 258 -12.41 15.06 -20.33
N CYS A 259 -11.13 15.19 -20.00
CA CYS A 259 -10.58 14.51 -18.83
C CYS A 259 -10.43 15.50 -17.69
N HIS A 260 -10.93 15.12 -16.52
CA HIS A 260 -10.93 16.02 -15.37
C HIS A 260 -10.01 15.47 -14.27
N VAL A 261 -9.13 16.33 -13.77
CA VAL A 261 -8.14 15.92 -12.78
C VAL A 261 -8.24 16.77 -11.53
N GLN A 262 -8.44 16.11 -10.39
CA GLN A 262 -8.45 16.79 -9.10
C GLN A 262 -7.31 16.22 -8.25
N HIS A 263 -6.52 17.11 -7.65
CA HIS A 263 -5.42 16.72 -6.77
C HIS A 263 -5.00 17.92 -5.93
N GLU A 264 -4.53 17.69 -4.70
CA GLU A 264 -4.29 18.81 -3.79
C GLU A 264 -3.07 19.67 -4.16
N GLY A 265 -2.22 19.16 -5.05
CA GLY A 265 -1.06 19.92 -5.49
C GLY A 265 -1.37 20.89 -6.63
N LEU A 266 -2.57 20.77 -7.18
CA LEU A 266 -2.99 21.64 -8.28
C LEU A 266 -3.53 22.96 -7.77
N PRO A 267 -3.04 24.08 -8.35
CA PRO A 267 -3.60 25.41 -8.11
C PRO A 267 -5.11 25.36 -8.33
N LYS A 268 -5.49 24.76 -9.45
CA LYS A 268 -6.90 24.59 -9.81
C LYS A 268 -7.03 23.29 -10.57
N PRO A 269 -8.18 22.61 -10.43
CA PRO A 269 -8.43 21.37 -11.17
C PRO A 269 -8.34 21.53 -12.69
N LEU A 270 -7.85 20.49 -13.36
CA LEU A 270 -7.59 20.53 -14.78
C LEU A 270 -8.74 19.97 -15.61
N THR A 271 -8.93 20.56 -16.79
CA THR A 271 -9.81 20.00 -17.80
C THR A 271 -8.97 19.81 -19.05
N LEU A 272 -8.73 18.57 -19.43
CA LEU A 272 -7.89 18.26 -20.58
C LEU A 272 -8.68 17.69 -21.75
N ARG A 273 -8.19 17.96 -22.95
CA ARG A 273 -8.72 17.33 -24.16
C ARG A 273 -7.56 16.81 -24.97
N TRP A 274 -7.86 15.95 -25.94
CA TRP A 274 -6.84 15.51 -26.88
C TRP A 274 -6.40 16.70 -27.70
N GLU A 275 -5.08 16.94 -27.74
CA GLU A 275 -4.52 18.13 -28.37
C GLU A 275 -5.11 19.42 -27.80
N ILE B 1 -11.77 -16.58 0.61
CA ILE B 1 -10.60 -17.16 1.25
C ILE B 1 -9.29 -16.70 0.59
N GLN B 2 -9.33 -16.41 -0.70
CA GLN B 2 -8.16 -15.93 -1.44
C GLN B 2 -8.48 -14.83 -2.45
N ARG B 3 -7.49 -13.99 -2.74
CA ARG B 3 -7.63 -12.90 -3.70
C ARG B 3 -6.45 -12.90 -4.67
N THR B 4 -6.75 -12.86 -5.97
CA THR B 4 -5.72 -12.95 -6.98
C THR B 4 -5.08 -11.57 -7.25
N PRO B 5 -3.78 -11.54 -7.56
CA PRO B 5 -3.12 -10.24 -7.76
C PRO B 5 -3.50 -9.52 -9.05
N LYS B 6 -3.65 -8.20 -8.93
CA LYS B 6 -3.64 -7.30 -10.07
C LYS B 6 -2.18 -7.03 -10.39
N ILE B 7 -1.86 -6.83 -11.66
CA ILE B 7 -0.48 -6.67 -12.09
C ILE B 7 -0.35 -5.49 -13.05
N GLN B 8 0.58 -4.58 -12.77
CA GLN B 8 0.90 -3.50 -13.70
C GLN B 8 2.40 -3.45 -13.94
N VAL B 9 2.79 -3.30 -15.20
CA VAL B 9 4.21 -3.20 -15.57
C VAL B 9 4.42 -1.87 -16.29
N TYR B 10 5.41 -1.11 -15.84
CA TYR B 10 5.54 0.28 -16.29
C TYR B 10 6.89 0.84 -15.87
N SER B 11 7.22 2.03 -16.37
CA SER B 11 8.49 2.66 -16.04
C SER B 11 8.31 3.81 -15.05
N ARG B 12 9.36 4.08 -14.27
CA ARG B 12 9.34 5.17 -13.30
C ARG B 12 9.17 6.53 -13.99
N HIS B 13 9.95 6.70 -15.06
CA HIS B 13 9.93 7.92 -15.85
C HIS B 13 9.44 7.59 -17.26
N PRO B 14 8.98 8.62 -18.01
CA PRO B 14 8.57 8.35 -19.39
C PRO B 14 9.70 7.70 -20.20
N ALA B 15 9.38 6.66 -20.96
CA ALA B 15 10.41 5.88 -21.64
C ALA B 15 11.04 6.63 -22.81
N GLU B 16 12.37 6.68 -22.80
CA GLU B 16 13.15 7.21 -23.92
C GLU B 16 14.25 6.21 -24.24
N ASN B 17 14.28 5.77 -25.50
CA ASN B 17 15.26 4.79 -25.93
C ASN B 17 16.69 5.26 -25.68
N GLY B 18 17.50 4.41 -25.08
CA GLY B 18 18.88 4.73 -24.78
C GLY B 18 19.07 5.51 -23.49
N LYS B 19 17.97 5.76 -22.78
CA LYS B 19 18.05 6.52 -21.52
C LYS B 19 17.70 5.67 -20.30
N SER B 20 18.57 5.70 -19.29
CA SER B 20 18.39 4.87 -18.11
C SER B 20 17.14 5.25 -17.31
N ASN B 21 16.46 4.23 -16.80
CA ASN B 21 15.14 4.36 -16.20
C ASN B 21 14.99 3.24 -15.18
N PHE B 22 13.79 3.10 -14.63
CA PHE B 22 13.47 1.95 -13.78
C PHE B 22 12.24 1.23 -14.31
N LEU B 23 12.33 -0.10 -14.36
CA LEU B 23 11.23 -0.94 -14.75
C LEU B 23 10.54 -1.44 -13.49
N ASN B 24 9.23 -1.21 -13.42
CA ASN B 24 8.42 -1.54 -12.25
C ASN B 24 7.41 -2.62 -12.55
N CYS B 25 7.23 -3.54 -11.60
CA CYS B 25 6.09 -4.43 -11.63
C CYS B 25 5.38 -4.30 -10.29
N TYR B 26 4.16 -3.76 -10.33
CA TYR B 26 3.38 -3.52 -9.13
C TYR B 26 2.33 -4.60 -9.05
N VAL B 27 2.37 -5.39 -7.98
CA VAL B 27 1.33 -6.38 -7.72
C VAL B 27 0.52 -5.94 -6.51
N SER B 28 -0.80 -6.04 -6.60
CA SER B 28 -1.66 -5.52 -5.55
C SER B 28 -2.96 -6.31 -5.45
N GLY B 29 -3.70 -6.08 -4.38
CA GLY B 29 -5.01 -6.68 -4.22
C GLY B 29 -5.03 -8.17 -3.95
N PHE B 30 -3.88 -8.74 -3.56
CA PHE B 30 -3.79 -10.18 -3.38
C PHE B 30 -3.83 -10.64 -1.91
N HIS B 31 -4.22 -11.89 -1.70
CA HIS B 31 -4.24 -12.50 -0.38
C HIS B 31 -4.27 -14.01 -0.60
N PRO B 32 -3.42 -14.76 0.12
CA PRO B 32 -2.44 -14.34 1.12
C PRO B 32 -1.19 -13.72 0.51
N SER B 33 -0.20 -13.43 1.34
CA SER B 33 0.92 -12.56 0.95
C SER B 33 2.04 -13.20 0.15
N ASP B 34 2.20 -14.53 0.21
CA ASP B 34 3.26 -15.16 -0.56
C ASP B 34 3.01 -15.01 -2.04
N ILE B 35 4.05 -14.57 -2.76
CA ILE B 35 3.91 -14.27 -4.17
C ILE B 35 5.32 -14.31 -4.78
N GLU B 36 5.39 -14.77 -6.03
CA GLU B 36 6.68 -14.79 -6.71
C GLU B 36 6.61 -13.89 -7.92
N VAL B 37 7.55 -12.97 -8.03
CA VAL B 37 7.55 -11.99 -9.11
C VAL B 37 8.93 -11.95 -9.76
N ASP B 38 8.97 -12.08 -11.07
CA ASP B 38 10.21 -11.91 -11.83
C ASP B 38 10.04 -10.82 -12.87
N LEU B 39 11.10 -10.05 -13.10
CA LEU B 39 11.14 -9.16 -14.25
C LEU B 39 11.93 -9.85 -15.35
N LEU B 40 11.44 -9.74 -16.59
CA LEU B 40 12.07 -10.43 -17.71
C LEU B 40 12.57 -9.45 -18.75
N LYS B 41 13.75 -9.76 -19.30
CA LYS B 41 14.27 -9.05 -20.46
C LYS B 41 14.47 -10.07 -21.56
N ASN B 42 13.73 -9.88 -22.66
CA ASN B 42 13.71 -10.84 -23.77
C ASN B 42 13.50 -12.28 -23.30
N GLY B 43 12.61 -12.45 -22.33
CA GLY B 43 12.25 -13.76 -21.83
C GLY B 43 13.10 -14.29 -20.69
N GLU B 44 14.23 -13.63 -20.41
CA GLU B 44 15.14 -14.09 -19.37
C GLU B 44 14.97 -13.32 -18.06
N ARG B 45 15.03 -14.04 -16.95
CA ARG B 45 14.90 -13.41 -15.64
C ARG B 45 16.02 -12.43 -15.36
N ILE B 46 15.67 -11.18 -15.06
CA ILE B 46 16.63 -10.17 -14.64
C ILE B 46 17.08 -10.45 -13.21
N GLU B 47 18.39 -10.36 -12.97
CA GLU B 47 18.97 -10.81 -11.71
C GLU B 47 18.87 -9.83 -10.54
N LYS B 48 18.98 -8.52 -10.77
CA LYS B 48 19.15 -7.68 -9.58
C LYS B 48 17.91 -7.15 -8.86
N VAL B 49 16.76 -7.78 -9.08
CA VAL B 49 15.47 -7.16 -8.76
C VAL B 49 15.22 -6.99 -7.26
N GLU B 50 14.91 -5.74 -6.89
CA GLU B 50 14.59 -5.38 -5.51
C GLU B 50 13.08 -5.21 -5.37
N HIS B 51 12.61 -5.22 -4.13
CA HIS B 51 11.19 -4.97 -3.89
C HIS B 51 10.95 -4.19 -2.62
N SER B 52 9.77 -3.60 -2.54
CA SER B 52 9.34 -2.83 -1.38
C SER B 52 9.04 -3.75 -0.20
N ASP B 53 8.94 -3.16 0.99
CA ASP B 53 8.56 -3.92 2.18
C ASP B 53 7.07 -4.25 2.13
N LEU B 54 6.73 -5.48 2.51
CA LEU B 54 5.35 -5.93 2.51
C LEU B 54 4.42 -5.01 3.28
N SER B 55 3.36 -4.54 2.62
CA SER B 55 2.34 -3.75 3.28
C SER B 55 1.00 -4.09 2.65
N PHE B 56 -0.04 -3.42 3.09
CA PHE B 56 -1.37 -3.74 2.61
C PHE B 56 -2.31 -2.55 2.67
N SER B 57 -3.40 -2.65 1.93
CA SER B 57 -4.38 -1.57 1.82
C SER B 57 -5.43 -1.69 2.91
N LYS B 58 -6.33 -0.72 3.00
CA LYS B 58 -7.30 -0.77 4.09
C LYS B 58 -8.30 -1.93 3.97
N ASP B 59 -8.42 -2.50 2.77
CA ASP B 59 -9.22 -3.73 2.61
C ASP B 59 -8.45 -5.01 2.94
N TRP B 60 -7.24 -4.84 3.48
CA TRP B 60 -6.34 -5.92 3.94
C TRP B 60 -5.57 -6.62 2.83
N SER B 61 -5.79 -6.24 1.58
CA SER B 61 -5.09 -6.89 0.49
C SER B 61 -3.66 -6.36 0.36
N PHE B 62 -2.74 -7.26 0.06
CA PHE B 62 -1.32 -6.92 0.02
C PHE B 62 -0.90 -6.23 -1.27
N TYR B 63 0.20 -5.47 -1.19
CA TYR B 63 0.83 -4.92 -2.38
C TYR B 63 2.34 -4.88 -2.24
N LEU B 64 3.02 -5.04 -3.37
CA LEU B 64 4.48 -5.00 -3.47
C LEU B 64 4.90 -4.35 -4.77
N LEU B 65 5.98 -3.57 -4.74
CA LEU B 65 6.58 -3.04 -5.95
C LEU B 65 7.93 -3.72 -6.16
N TYR B 66 8.10 -4.36 -7.32
CA TYR B 66 9.38 -4.93 -7.74
C TYR B 66 9.97 -4.00 -8.79
N TYR B 67 11.28 -3.77 -8.73
CA TYR B 67 11.88 -2.76 -9.59
C TYR B 67 13.35 -3.03 -9.87
N THR B 68 13.82 -2.56 -11.01
CA THR B 68 15.21 -2.72 -11.40
C THR B 68 15.56 -1.66 -12.42
N GLU B 69 16.84 -1.31 -12.50
CA GLU B 69 17.28 -0.39 -13.54
C GLU B 69 17.14 -1.03 -14.91
N PHE B 70 16.74 -0.24 -15.91
CA PHE B 70 16.78 -0.69 -17.29
C PHE B 70 16.95 0.48 -18.25
N THR B 71 17.52 0.18 -19.41
CA THR B 71 17.65 1.17 -20.47
C THR B 71 16.83 0.67 -21.65
N PRO B 72 15.61 1.19 -21.83
CA PRO B 72 14.78 0.74 -22.94
C PRO B 72 15.42 1.04 -24.28
N THR B 73 15.22 0.13 -25.24
CA THR B 73 15.68 0.31 -26.60
C THR B 73 14.51 -0.09 -27.47
N GLU B 74 14.63 0.10 -28.78
CA GLU B 74 13.55 -0.30 -29.68
C GLU B 74 13.35 -1.80 -29.72
N LYS B 75 14.46 -2.54 -29.71
CA LYS B 75 14.43 -3.99 -29.91
C LYS B 75 14.04 -4.81 -28.69
N ASP B 76 14.46 -4.36 -27.51
CA ASP B 76 14.28 -5.16 -26.29
C ASP B 76 12.86 -5.20 -25.76
N GLU B 77 12.41 -6.40 -25.42
CA GLU B 77 11.11 -6.61 -24.79
C GLU B 77 11.29 -6.82 -23.30
N TYR B 78 10.37 -6.27 -22.51
CA TYR B 78 10.36 -6.48 -21.08
C TYR B 78 9.01 -7.00 -20.62
N ALA B 79 9.00 -7.71 -19.51
CA ALA B 79 7.76 -8.26 -18.99
C ALA B 79 7.88 -8.56 -17.50
N CYS B 80 6.74 -8.83 -16.88
CA CYS B 80 6.70 -9.27 -15.50
C CYS B 80 5.99 -10.62 -15.42
N ARG B 81 6.58 -11.55 -14.66
CA ARG B 81 6.00 -12.87 -14.49
C ARG B 81 5.65 -13.09 -13.03
N VAL B 82 4.38 -13.43 -12.78
CA VAL B 82 3.83 -13.50 -11.43
C VAL B 82 3.21 -14.88 -11.17
N ASN B 83 3.53 -15.46 -10.03
CA ASN B 83 2.80 -16.64 -9.57
C ASN B 83 2.28 -16.43 -8.15
N HIS B 84 1.15 -17.06 -7.87
CA HIS B 84 0.43 -16.88 -6.61
C HIS B 84 -0.43 -18.13 -6.48
N VAL B 85 -0.89 -18.43 -5.26
CA VAL B 85 -1.69 -19.64 -5.05
C VAL B 85 -2.97 -19.64 -5.89
N THR B 86 -3.48 -18.45 -6.21
CA THR B 86 -4.71 -18.30 -6.97
C THR B 86 -4.52 -18.54 -8.47
N LEU B 87 -3.28 -18.77 -8.89
CA LEU B 87 -2.97 -18.95 -10.32
C LEU B 87 -2.50 -20.37 -10.63
N SER B 88 -3.08 -20.98 -11.65
CA SER B 88 -2.71 -22.33 -12.05
C SER B 88 -1.28 -22.34 -12.59
N GLN B 89 -0.94 -21.31 -13.34
CA GLN B 89 0.37 -21.16 -13.94
C GLN B 89 0.79 -19.70 -13.85
N PRO B 90 2.09 -19.40 -14.01
CA PRO B 90 2.49 -18.00 -13.91
C PRO B 90 1.81 -17.11 -14.96
N LYS B 91 1.44 -15.90 -14.56
CA LYS B 91 0.88 -14.94 -15.51
C LYS B 91 1.99 -14.01 -15.97
N ILE B 92 2.05 -13.77 -17.27
CA ILE B 92 3.03 -12.85 -17.83
C ILE B 92 2.32 -11.61 -18.35
N VAL B 93 2.80 -10.44 -17.92
CA VAL B 93 2.28 -9.19 -18.43
C VAL B 93 3.43 -8.44 -19.10
N LYS B 94 3.25 -8.12 -20.37
CA LYS B 94 4.30 -7.43 -21.13
C LYS B 94 4.33 -5.94 -20.85
N TRP B 95 5.54 -5.38 -20.85
CA TRP B 95 5.68 -3.94 -20.74
C TRP B 95 5.26 -3.26 -22.05
N ASP B 96 4.29 -2.37 -21.94
CA ASP B 96 3.79 -1.56 -23.05
C ASP B 96 3.98 -0.12 -22.59
N ARG B 97 4.74 0.65 -23.36
CA ARG B 97 5.11 1.99 -22.90
C ARG B 97 3.96 3.01 -22.82
N ASP B 98 2.81 2.71 -23.42
CA ASP B 98 1.64 3.56 -23.19
C ASP B 98 0.56 2.93 -22.30
N MET B 99 1.00 2.20 -21.27
CA MET B 99 0.09 1.70 -20.24
C MET B 99 0.73 1.68 -18.85
N ALA C 12 7.71 5.62 24.28
CA ALA C 12 8.25 5.16 23.02
C ALA C 12 7.19 5.16 21.92
N ALA C 13 7.62 5.35 20.68
CA ALA C 13 6.72 5.62 19.55
C ALA C 13 5.84 4.43 19.14
N ALA C 14 6.39 3.23 19.15
CA ALA C 14 5.63 2.05 18.71
C ALA C 14 4.68 1.57 19.80
N LYS C 15 3.60 0.92 19.38
CA LYS C 15 2.56 0.49 20.32
C LYS C 15 2.79 -0.93 20.84
N LYS C 16 2.70 -1.08 22.16
CA LYS C 16 2.64 -2.40 22.78
C LYS C 16 1.35 -3.09 22.35
N LYS C 17 1.47 -4.31 21.84
CA LYS C 17 0.29 -5.05 21.41
C LYS C 17 -0.15 -6.09 22.45
N TYR C 18 -1.38 -6.56 22.29
CA TYR C 18 -1.97 -7.49 23.24
C TYR C 18 -2.40 -8.76 22.52
N CYS C 19 -2.20 -9.90 23.17
CA CYS C 19 -2.52 -11.18 22.57
C CYS C 19 -4.03 -11.30 22.35
N LEU C 20 -4.41 -11.70 21.15
CA LEU C 20 -5.81 -11.94 20.82
C LEU C 20 -6.33 -13.19 21.53
#